data_8GDJ
#
_entry.id   8GDJ
#
_cell.length_a   62.180
_cell.length_b   66.115
_cell.length_c   91.173
_cell.angle_alpha   90.00
_cell.angle_beta   90.00
_cell.angle_gamma   90.00
#
_symmetry.space_group_name_H-M   'P 21 21 21'
#
loop_
_entity.id
_entity.type
_entity.pdbx_description
1 polymer 'HIV-1 LM/HT Clade A/E CRF01 gp120 core'
2 non-polymer 2-acetamido-2-deoxy-beta-D-glucopyranose
3 non-polymer (3S,5R)-N-(4-chloro-3-fluorophenyl)-5-(hydroxymethyl)-1-(4-methylpiperazine-1-carbonyl)piperidine-3-carboxamide
4 non-polymer '4-(2-HYDROXYETHYL)-1-PIPERAZINE ETHANESULFONIC ACID'
5 water water
#
_entity_poly.entity_id   1
_entity_poly.type   'polypeptide(L)'
_entity_poly.pdbx_seq_one_letter_code
;VPVWKDADTTLFCASDAKAYETEVHNVWATHACVPTDPNPQEIHLENVTENFNMWKNNMVEQMHEDIISLWDQSLQPCVK
LTGGSVIKQACPKISFDPIPIHYCTPAGYVILKCNDKNFNGTGPCKNVSSVQCTHGIKPVVSTQLLLNGSLAEEEIIIRS
ENLTNNAKTIIVHLNKSVEINCTRPSNGGSGSGGDIRKAYCEINGTKWNKVLKQVTEKLKEHFNNKTIIFQPPSGGDLEI
TMHTFNCRGEFFYCNTTQLFNNTCIGNETMKGCNGTITLPCKIKQIINMWQGTGQAMYAPPIDGKINCVSNITGILLTRD
GGANNTSNETFRPGGGDMRDNWRSELYKYKVVQIE
;
_entity_poly.pdbx_strand_id   A
#
# COMPACT_ATOMS: atom_id res chain seq x y z
N PRO A 2 -27.94 14.03 -16.50
CA PRO A 2 -26.51 14.04 -16.17
C PRO A 2 -26.14 15.13 -15.17
N VAL A 3 -26.67 15.02 -13.95
CA VAL A 3 -26.28 15.86 -12.84
C VAL A 3 -25.97 14.94 -11.68
N TRP A 4 -25.05 15.35 -10.82
CA TRP A 4 -24.61 14.49 -9.74
C TRP A 4 -24.12 15.33 -8.58
N LYS A 5 -24.01 14.70 -7.42
CA LYS A 5 -23.39 15.36 -6.29
C LYS A 5 -22.60 14.37 -5.46
N ASP A 6 -21.60 14.88 -4.75
CA ASP A 6 -20.79 14.04 -3.87
C ASP A 6 -21.66 13.36 -2.84
N ALA A 7 -21.44 12.06 -2.65
CA ALA A 7 -22.24 11.30 -1.69
C ALA A 7 -21.55 9.98 -1.44
N ASP A 8 -22.04 9.28 -0.42
CA ASP A 8 -21.50 8.00 0.01
C ASP A 8 -22.62 6.98 0.06
N THR A 9 -22.38 5.81 -0.52
CA THR A 9 -23.29 4.69 -0.43
C THR A 9 -22.50 3.43 -0.13
N THR A 10 -23.21 2.34 0.14
CA THR A 10 -22.55 1.07 0.38
C THR A 10 -22.14 0.48 -0.97
N LEU A 11 -20.84 0.24 -1.15
CA LEU A 11 -20.37 -0.29 -2.41
C LEU A 11 -20.42 -1.81 -2.36
N PHE A 12 -20.13 -2.44 -3.50
CA PHE A 12 -19.99 -3.88 -3.56
C PHE A 12 -18.72 -4.23 -4.33
N CYS A 13 -18.19 -5.41 -4.06
CA CYS A 13 -16.89 -5.82 -4.56
C CYS A 13 -17.03 -6.86 -5.66
N ALA A 14 -16.02 -6.92 -6.53
CA ALA A 14 -16.03 -7.83 -7.67
C ALA A 14 -14.62 -8.31 -7.95
N SER A 15 -14.47 -9.55 -8.40
CA SER A 15 -13.14 -10.07 -8.64
C SER A 15 -13.21 -11.31 -9.51
N ASP A 16 -12.10 -11.59 -10.18
CA ASP A 16 -11.94 -12.81 -10.99
C ASP A 16 -11.55 -14.00 -10.13
N ALA A 17 -12.16 -14.18 -8.96
CA ALA A 17 -11.80 -15.31 -8.11
C ALA A 17 -12.19 -16.64 -8.76
N LYS A 18 -11.38 -17.65 -8.48
CA LYS A 18 -11.66 -19.02 -8.88
C LYS A 18 -12.30 -19.77 -7.72
N ALA A 19 -13.43 -20.42 -7.99
CA ALA A 19 -14.14 -21.14 -6.92
C ALA A 19 -13.38 -22.38 -6.43
N TYR A 20 -12.50 -22.94 -7.25
CA TYR A 20 -11.78 -24.13 -6.83
C TYR A 20 -10.59 -23.80 -5.93
N GLU A 21 -10.00 -22.61 -6.11
CA GLU A 21 -8.77 -22.26 -5.42
C GLU A 21 -8.98 -22.16 -3.91
N THR A 22 -8.01 -22.69 -3.16
CA THR A 22 -8.03 -22.64 -1.71
C THR A 22 -7.32 -21.40 -1.15
N GLU A 23 -6.66 -20.63 -2.01
CA GLU A 23 -6.06 -19.37 -1.60
C GLU A 23 -7.10 -18.49 -0.94
N VAL A 24 -6.71 -17.83 0.16
CA VAL A 24 -7.71 -17.21 1.02
C VAL A 24 -8.37 -16.00 0.36
N HIS A 25 -7.64 -15.24 -0.46
CA HIS A 25 -8.30 -14.13 -1.15
C HIS A 25 -9.33 -14.64 -2.15
N ASN A 26 -9.03 -15.75 -2.84
CA ASN A 26 -9.99 -16.32 -3.77
C ASN A 26 -11.24 -16.80 -3.04
N VAL A 27 -11.07 -17.45 -1.89
CA VAL A 27 -12.22 -17.92 -1.13
C VAL A 27 -13.06 -16.74 -0.66
N TRP A 28 -12.41 -15.72 -0.10
CA TRP A 28 -13.14 -14.56 0.40
C TRP A 28 -13.87 -13.85 -0.72
N ALA A 29 -13.24 -13.72 -1.89
CA ALA A 29 -13.91 -13.08 -3.01
C ALA A 29 -14.98 -13.98 -3.64
N THR A 30 -14.83 -15.29 -3.49
CA THR A 30 -15.85 -16.20 -4.00
C THR A 30 -17.13 -16.00 -3.22
N HIS A 31 -17.03 -15.95 -1.90
CA HIS A 31 -18.28 -15.77 -1.17
C HIS A 31 -18.67 -14.31 -0.98
N ALA A 32 -17.77 -13.35 -1.15
CA ALA A 32 -18.08 -11.97 -0.80
C ALA A 32 -18.18 -11.00 -1.97
N CYS A 33 -17.65 -11.34 -3.14
CA CYS A 33 -17.74 -10.49 -4.31
C CYS A 33 -18.45 -11.21 -5.45
N VAL A 34 -18.78 -10.44 -6.46
CA VAL A 34 -19.50 -10.92 -7.63
C VAL A 34 -18.48 -11.05 -8.76
N PRO A 35 -18.78 -11.79 -9.82
CA PRO A 35 -17.87 -11.81 -10.96
C PRO A 35 -17.67 -10.43 -11.53
N THR A 36 -16.45 -10.15 -11.99
CA THR A 36 -16.17 -8.88 -12.63
C THR A 36 -17.04 -8.67 -13.86
N ASP A 37 -17.33 -7.41 -14.12
CA ASP A 37 -18.08 -6.99 -15.29
C ASP A 37 -17.49 -7.63 -16.55
N PRO A 38 -18.30 -8.27 -17.37
CA PRO A 38 -17.77 -8.84 -18.62
C PRO A 38 -17.48 -7.79 -19.68
N ASN A 39 -18.34 -6.78 -19.81
CA ASN A 39 -18.14 -5.71 -20.78
C ASN A 39 -18.22 -4.36 -20.08
N PRO A 40 -17.19 -4.01 -19.32
CA PRO A 40 -17.13 -2.66 -18.73
C PRO A 40 -16.81 -1.62 -19.78
N GLN A 41 -17.18 -0.37 -19.49
CA GLN A 41 -16.85 0.73 -20.36
C GLN A 41 -17.11 2.03 -19.62
N GLU A 42 -16.18 2.97 -19.73
CA GLU A 42 -16.32 4.26 -19.08
C GLU A 42 -16.84 5.29 -20.06
N ILE A 43 -17.40 6.36 -19.49
CA ILE A 43 -18.00 7.42 -20.26
C ILE A 43 -17.20 8.68 -20.02
N HIS A 44 -16.57 9.19 -21.08
CA HIS A 44 -15.81 10.43 -21.00
C HIS A 44 -16.77 11.59 -20.74
N LEU A 45 -16.39 12.49 -19.81
CA LEU A 45 -17.21 13.67 -19.51
C LEU A 45 -16.50 14.87 -20.14
N GLU A 46 -16.95 15.26 -21.34
CA GLU A 46 -16.22 16.27 -22.11
C GLU A 46 -16.23 17.62 -21.42
N ASN A 47 -15.04 18.20 -21.26
CA ASN A 47 -14.85 19.51 -20.64
C ASN A 47 -15.62 19.63 -19.33
N VAL A 48 -15.45 18.63 -18.47
CA VAL A 48 -15.97 18.64 -17.11
C VAL A 48 -14.78 18.60 -16.18
N THR A 49 -14.77 19.50 -15.20
CA THR A 49 -13.74 19.54 -14.17
C THR A 49 -14.35 19.14 -12.83
N GLU A 50 -13.72 18.21 -12.14
CA GLU A 50 -14.25 17.69 -10.88
C GLU A 50 -13.17 17.76 -9.80
N ASN A 51 -13.61 17.95 -8.56
CA ASN A 51 -12.71 18.03 -7.42
C ASN A 51 -12.67 16.68 -6.71
N PHE A 52 -11.46 16.20 -6.44
CA PHE A 52 -11.24 14.95 -5.73
C PHE A 52 -10.50 15.25 -4.44
N ASN A 53 -10.59 14.33 -3.47
CA ASN A 53 -9.75 14.40 -2.28
C ASN A 53 -9.51 12.97 -1.80
N MET A 54 -8.31 12.45 -2.09
CA MET A 54 -7.93 11.09 -1.75
C MET A 54 -7.71 10.87 -0.26
N TRP A 55 -7.53 11.95 0.51
CA TRP A 55 -7.32 11.81 1.95
C TRP A 55 -8.62 11.85 2.72
N LYS A 56 -9.73 12.23 2.08
CA LYS A 56 -11.07 12.22 2.67
C LYS A 56 -11.98 11.55 1.65
N ASN A 57 -11.94 10.22 1.61
CA ASN A 57 -12.67 9.45 0.62
C ASN A 57 -13.17 8.18 1.30
N ASN A 58 -14.50 8.00 1.31
CA ASN A 58 -15.10 6.89 2.03
C ASN A 58 -14.78 5.54 1.38
N MET A 59 -14.51 5.52 0.08
CA MET A 59 -14.07 4.30 -0.59
C MET A 59 -12.94 3.64 0.19
N VAL A 60 -12.03 4.45 0.73
CA VAL A 60 -10.88 3.93 1.43
C VAL A 60 -11.32 3.21 2.69
N GLU A 61 -12.25 3.79 3.44
CA GLU A 61 -12.72 3.12 4.64
C GLU A 61 -13.49 1.85 4.31
N GLN A 62 -14.22 1.83 3.20
CA GLN A 62 -14.95 0.61 2.88
C GLN A 62 -14.03 -0.51 2.43
N MET A 63 -12.99 -0.18 1.66
CA MET A 63 -11.99 -1.19 1.33
C MET A 63 -11.27 -1.67 2.58
N HIS A 64 -10.92 -0.73 3.47
CA HIS A 64 -10.26 -1.09 4.73
C HIS A 64 -11.11 -2.07 5.52
N GLU A 65 -12.41 -1.81 5.61
CA GLU A 65 -13.30 -2.72 6.33
C GLU A 65 -13.30 -4.10 5.66
N ASP A 66 -13.27 -4.13 4.33
CA ASP A 66 -13.16 -5.42 3.62
C ASP A 66 -11.87 -6.15 3.95
N ILE A 67 -10.74 -5.46 3.92
CA ILE A 67 -9.48 -6.18 4.11
C ILE A 67 -9.35 -6.64 5.56
N ILE A 68 -9.90 -5.86 6.50
CA ILE A 68 -9.96 -6.32 7.88
C ILE A 68 -10.81 -7.59 7.97
N SER A 69 -11.95 -7.62 7.28
CA SER A 69 -12.80 -8.81 7.36
C SER A 69 -12.11 -10.02 6.72
N LEU A 70 -11.52 -9.83 5.54
CA LEU A 70 -10.81 -10.91 4.85
C LEU A 70 -9.74 -11.51 5.75
N TRP A 71 -8.85 -10.66 6.26
CA TRP A 71 -7.79 -11.14 7.14
C TRP A 71 -8.38 -11.79 8.39
N ASP A 72 -9.44 -11.22 8.94
CA ASP A 72 -10.06 -11.76 10.14
C ASP A 72 -10.56 -13.19 9.89
N GLN A 73 -10.99 -13.48 8.66
CA GLN A 73 -11.54 -14.79 8.33
C GLN A 73 -10.52 -15.77 7.81
N SER A 74 -9.34 -15.29 7.40
CA SER A 74 -8.34 -16.14 6.71
C SER A 74 -7.13 -16.32 7.52
N LEU A 75 -6.32 -15.27 7.61
CA LEU A 75 -5.05 -15.30 8.35
C LEU A 75 -5.40 -15.32 9.83
N GLN A 76 -5.63 -16.46 10.45
CA GLN A 76 -6.09 -16.23 11.80
C GLN A 76 -5.06 -16.72 12.81
N PRO A 77 -4.82 -15.95 13.87
CA PRO A 77 -3.66 -16.25 14.72
C PRO A 77 -3.95 -17.31 15.77
N CYS A 78 -2.91 -18.10 16.05
CA CYS A 78 -2.98 -19.10 17.10
C CYS A 78 -3.53 -18.50 18.39
N VAL A 79 -2.96 -17.38 18.80
CA VAL A 79 -3.38 -16.72 20.03
C VAL A 79 -3.52 -15.23 19.74
N LYS A 80 -4.52 -14.58 20.33
CA LYS A 80 -4.72 -13.16 20.07
C LYS A 80 -4.80 -12.44 21.40
N LEU A 81 -3.65 -11.97 21.88
CA LEU A 81 -3.61 -11.10 23.04
C LEU A 81 -4.22 -9.77 22.62
N THR A 82 -5.29 -9.34 23.29
CA THR A 82 -6.07 -8.23 22.74
C THR A 82 -6.78 -7.48 23.88
N GLY A 83 -6.11 -6.47 24.43
CA GLY A 83 -6.69 -5.65 25.46
C GLY A 83 -7.05 -6.39 26.73
N GLY A 84 -6.31 -7.45 27.05
CA GLY A 84 -6.53 -8.26 28.24
C GLY A 84 -7.17 -9.60 28.00
N SER A 85 -7.47 -9.98 26.76
CA SER A 85 -8.06 -11.26 26.43
C SER A 85 -7.01 -12.19 25.83
N VAL A 86 -7.38 -13.47 25.70
CA VAL A 86 -6.50 -14.48 25.13
C VAL A 86 -7.30 -15.45 24.27
N ILE A 87 -8.05 -14.92 23.29
CA ILE A 87 -8.82 -15.81 22.42
C ILE A 87 -7.84 -16.73 21.69
N LYS A 88 -8.01 -18.04 21.90
CA LYS A 88 -7.21 -19.09 21.30
C LYS A 88 -8.05 -19.80 20.24
N GLN A 89 -7.36 -20.36 19.25
CA GLN A 89 -8.06 -20.93 18.10
C GLN A 89 -7.04 -21.58 17.18
N ALA A 90 -7.53 -22.17 16.09
CA ALA A 90 -6.63 -22.80 15.15
C ALA A 90 -5.92 -21.77 14.32
N CYS A 91 -4.76 -22.16 13.82
CA CYS A 91 -3.95 -21.35 12.92
C CYS A 91 -3.32 -22.30 11.92
N PRO A 92 -4.12 -22.87 11.03
CA PRO A 92 -3.55 -23.75 10.02
C PRO A 92 -2.78 -22.93 9.01
N LYS A 93 -1.65 -23.48 8.57
CA LYS A 93 -0.89 -22.84 7.50
C LYS A 93 -1.77 -22.73 6.26
N ILE A 94 -2.10 -21.51 5.88
CA ILE A 94 -2.99 -21.26 4.76
C ILE A 94 -2.18 -20.87 3.54
N SER A 95 -2.87 -20.77 2.40
CA SER A 95 -2.30 -20.29 1.16
C SER A 95 -2.73 -18.83 0.99
N PHE A 96 -1.75 -17.95 0.74
CA PHE A 96 -1.94 -16.51 0.80
C PHE A 96 -1.29 -15.86 -0.40
N ASP A 97 -2.07 -15.16 -1.22
CA ASP A 97 -1.55 -14.44 -2.36
C ASP A 97 -2.64 -13.52 -2.90
N PRO A 98 -2.58 -12.21 -2.62
CA PRO A 98 -3.71 -11.34 -2.92
C PRO A 98 -3.99 -11.23 -4.41
N ILE A 99 -5.28 -11.14 -4.75
CA ILE A 99 -5.74 -11.00 -6.13
C ILE A 99 -6.36 -9.62 -6.29
N PRO A 100 -6.60 -9.14 -7.52
CA PRO A 100 -7.19 -7.81 -7.67
C PRO A 100 -8.64 -7.81 -7.24
N ILE A 101 -9.03 -6.72 -6.56
CA ILE A 101 -10.41 -6.52 -6.15
C ILE A 101 -10.92 -5.25 -6.81
N HIS A 102 -12.18 -5.27 -7.22
CA HIS A 102 -12.87 -4.14 -7.85
C HIS A 102 -13.92 -3.60 -6.90
N TYR A 103 -14.10 -2.29 -6.92
CA TYR A 103 -15.09 -1.63 -6.08
C TYR A 103 -16.11 -0.93 -6.95
N CYS A 104 -17.38 -1.26 -6.76
CA CYS A 104 -18.44 -0.94 -7.69
C CYS A 104 -19.56 -0.24 -6.93
N THR A 105 -20.23 0.69 -7.62
CA THR A 105 -21.34 1.44 -7.08
C THR A 105 -22.66 0.74 -7.37
N PRO A 106 -23.65 0.88 -6.48
CA PRO A 106 -24.99 0.43 -6.80
C PRO A 106 -25.69 1.39 -7.76
N ALA A 107 -26.83 0.93 -8.28
CA ALA A 107 -27.62 1.75 -9.19
C ALA A 107 -27.98 3.07 -8.53
N GLY A 108 -27.90 4.16 -9.30
CA GLY A 108 -28.11 5.49 -8.78
C GLY A 108 -26.85 6.22 -8.39
N TYR A 109 -25.70 5.54 -8.41
CA TYR A 109 -24.41 6.13 -8.12
C TYR A 109 -23.45 5.74 -9.22
N VAL A 110 -22.38 6.54 -9.38
CA VAL A 110 -21.29 6.18 -10.27
C VAL A 110 -19.99 6.68 -9.66
N ILE A 111 -18.89 6.02 -10.03
CA ILE A 111 -17.55 6.47 -9.64
C ILE A 111 -17.02 7.37 -10.74
N LEU A 112 -16.34 8.44 -10.34
CA LEU A 112 -15.64 9.33 -11.26
C LEU A 112 -14.15 9.08 -11.11
N LYS A 113 -13.48 8.99 -12.26
CA LYS A 113 -12.10 8.57 -12.37
C LYS A 113 -11.30 9.69 -13.01
N CYS A 114 -10.23 10.10 -12.33
CA CYS A 114 -9.41 11.20 -12.79
C CYS A 114 -8.33 10.66 -13.72
N ASN A 115 -8.40 11.04 -15.00
CA ASN A 115 -7.45 10.58 -15.99
C ASN A 115 -6.34 11.60 -16.26
N ASP A 116 -6.28 12.67 -15.48
CA ASP A 116 -5.12 13.55 -15.54
C ASP A 116 -3.89 12.76 -15.11
N LYS A 117 -2.97 12.55 -16.04
CA LYS A 117 -1.82 11.70 -15.77
C LYS A 117 -0.83 12.31 -14.78
N ASN A 118 -1.07 13.53 -14.30
CA ASN A 118 -0.24 14.13 -13.26
C ASN A 118 -1.04 14.41 -12.00
N PHE A 119 -2.23 13.80 -11.87
CA PHE A 119 -3.08 14.08 -10.72
C PHE A 119 -2.36 13.69 -9.43
N ASN A 120 -2.38 14.58 -8.46
CA ASN A 120 -1.67 14.37 -7.21
C ASN A 120 -2.59 13.92 -6.08
N GLY A 121 -3.87 13.71 -6.36
CA GLY A 121 -4.81 13.22 -5.39
C GLY A 121 -5.69 14.27 -4.73
N THR A 122 -5.51 15.55 -5.06
CA THR A 122 -6.15 16.61 -4.32
C THR A 122 -6.54 17.75 -5.26
N GLY A 123 -7.80 18.18 -5.17
CA GLY A 123 -8.23 19.34 -5.91
C GLY A 123 -8.77 19.00 -7.28
N PRO A 124 -8.48 19.85 -8.26
CA PRO A 124 -9.16 19.76 -9.56
C PRO A 124 -8.55 18.74 -10.51
N CYS A 125 -9.43 18.10 -11.27
CA CYS A 125 -9.11 17.19 -12.36
C CYS A 125 -9.89 17.64 -13.59
N LYS A 126 -9.21 17.66 -14.74
CA LYS A 126 -9.77 18.17 -15.98
C LYS A 126 -10.29 17.06 -16.91
N ASN A 127 -9.52 15.98 -17.08
CA ASN A 127 -9.94 14.85 -17.93
C ASN A 127 -10.62 13.83 -17.02
N VAL A 128 -11.95 13.91 -16.94
CA VAL A 128 -12.74 13.11 -16.00
C VAL A 128 -13.52 12.07 -16.78
N SER A 129 -13.43 10.82 -16.35
CA SER A 129 -14.20 9.72 -16.90
C SER A 129 -15.15 9.24 -15.82
N SER A 130 -16.19 8.51 -16.24
CA SER A 130 -17.16 7.91 -15.32
C SER A 130 -17.15 6.41 -15.50
N VAL A 131 -17.03 5.68 -14.39
CA VAL A 131 -17.04 4.23 -14.38
C VAL A 131 -18.04 3.75 -13.33
N GLN A 132 -18.40 2.48 -13.46
CA GLN A 132 -19.22 1.75 -12.50
C GLN A 132 -18.39 0.93 -11.53
N CYS A 133 -17.19 0.53 -11.93
CA CYS A 133 -16.27 -0.20 -11.07
C CYS A 133 -14.85 0.32 -11.23
N THR A 134 -14.10 0.27 -10.14
CA THR A 134 -12.69 0.56 -10.21
C THR A 134 -11.95 -0.56 -10.94
N HIS A 135 -10.67 -0.35 -11.19
CA HIS A 135 -9.81 -1.41 -11.69
C HIS A 135 -9.53 -2.43 -10.57
N GLY A 136 -8.89 -3.52 -10.96
CA GLY A 136 -8.51 -4.53 -9.98
C GLY A 136 -7.37 -4.09 -9.09
N ILE A 137 -7.61 -3.96 -7.79
CA ILE A 137 -6.65 -3.45 -6.83
C ILE A 137 -6.23 -4.58 -5.89
N LYS A 138 -4.94 -4.93 -5.92
CA LYS A 138 -4.40 -5.92 -5.00
C LYS A 138 -4.29 -5.33 -3.60
N PRO A 139 -4.90 -5.93 -2.58
CA PRO A 139 -4.84 -5.37 -1.23
C PRO A 139 -3.59 -5.80 -0.47
N VAL A 140 -2.47 -5.18 -0.82
CA VAL A 140 -1.16 -5.59 -0.33
C VAL A 140 -0.89 -4.86 0.97
N VAL A 141 -0.85 -5.60 2.07
CA VAL A 141 -0.55 -5.02 3.36
C VAL A 141 0.96 -4.92 3.49
N SER A 142 1.46 -3.73 3.81
CA SER A 142 2.90 -3.52 3.96
C SER A 142 3.14 -2.15 4.58
N THR A 143 4.29 -2.01 5.22
CA THR A 143 4.78 -0.72 5.68
C THR A 143 6.02 -0.34 4.91
N GLN A 144 6.32 0.97 4.92
CA GLN A 144 7.49 1.60 4.30
C GLN A 144 7.45 1.55 2.77
N LEU A 145 7.30 0.37 2.19
CA LEU A 145 7.27 0.22 0.74
C LEU A 145 5.92 -0.30 0.31
N LEU A 146 5.42 0.25 -0.81
CA LEU A 146 4.19 -0.21 -1.43
C LEU A 146 4.57 -1.19 -2.52
N LEU A 147 3.90 -2.34 -2.54
CA LEU A 147 4.28 -3.41 -3.43
C LEU A 147 3.11 -3.87 -4.28
N ASN A 148 3.44 -4.56 -5.37
CA ASN A 148 2.43 -5.11 -6.27
C ASN A 148 1.53 -4.05 -6.88
N GLY A 149 1.86 -2.77 -6.72
CA GLY A 149 0.94 -1.69 -7.00
C GLY A 149 0.98 -1.19 -8.43
N SER A 150 0.28 -0.08 -8.66
CA SER A 150 0.33 0.63 -9.92
C SER A 150 1.46 1.66 -9.91
N LEU A 151 1.75 2.18 -11.10
CA LEU A 151 2.84 3.14 -11.29
C LEU A 151 2.30 4.43 -11.88
N ALA A 152 2.91 5.55 -11.50
CA ALA A 152 2.54 6.82 -12.09
C ALA A 152 2.89 6.82 -13.58
N GLU A 153 2.07 7.52 -14.38
CA GLU A 153 2.13 7.37 -15.82
C GLU A 153 3.18 8.25 -16.48
N GLU A 154 3.74 9.20 -15.74
CA GLU A 154 4.86 9.98 -16.29
C GLU A 154 5.84 10.40 -15.20
N GLU A 155 5.53 11.45 -14.45
CA GLU A 155 6.46 11.95 -13.44
C GLU A 155 6.16 11.32 -12.09
N ILE A 156 7.22 11.14 -11.30
CA ILE A 156 7.05 10.70 -9.92
C ILE A 156 6.14 11.67 -9.21
N ILE A 157 5.08 11.17 -8.57
CA ILE A 157 4.07 12.05 -7.98
C ILE A 157 4.19 12.04 -6.46
N ILE A 158 4.04 13.21 -5.85
CA ILE A 158 4.14 13.38 -4.40
C ILE A 158 2.75 13.63 -3.85
N ARG A 159 2.22 12.70 -3.06
CA ARG A 159 0.86 12.80 -2.54
C ARG A 159 0.91 13.11 -1.05
N SER A 160 0.07 14.06 -0.61
CA SER A 160 -0.03 14.43 0.80
C SER A 160 -1.25 15.30 1.00
N GLU A 161 -1.90 15.14 2.16
CA GLU A 161 -3.02 16.01 2.51
C GLU A 161 -2.56 17.43 2.78
N ASN A 162 -1.33 17.61 3.25
CA ASN A 162 -0.81 18.95 3.54
C ASN A 162 0.71 18.82 3.70
N LEU A 163 1.43 19.15 2.63
CA LEU A 163 2.88 18.98 2.62
C LEU A 163 3.57 19.80 3.69
N THR A 164 3.03 20.98 4.04
CA THR A 164 3.65 21.81 5.07
C THR A 164 3.36 21.30 6.48
N ASN A 165 2.40 20.40 6.64
CA ASN A 165 2.15 19.72 7.91
C ASN A 165 2.99 18.45 7.95
N ASN A 166 4.04 18.46 8.78
CA ASN A 166 4.96 17.34 8.84
C ASN A 166 4.32 16.07 9.40
N ALA A 167 3.16 16.18 10.05
CA ALA A 167 2.52 15.02 10.66
C ALA A 167 1.73 14.20 9.66
N LYS A 168 1.49 14.72 8.46
CA LYS A 168 0.65 14.06 7.46
C LYS A 168 1.52 13.28 6.49
N THR A 169 1.20 12.00 6.32
CA THR A 169 2.08 11.09 5.59
C THR A 169 2.20 11.46 4.12
N ILE A 170 3.38 11.21 3.57
CA ILE A 170 3.64 11.44 2.16
C ILE A 170 3.65 10.10 1.46
N ILE A 171 3.02 10.04 0.29
CA ILE A 171 3.05 8.85 -0.53
C ILE A 171 3.78 9.23 -1.81
N VAL A 172 4.96 8.65 -1.99
CA VAL A 172 5.69 8.77 -3.26
C VAL A 172 5.12 7.75 -4.22
N HIS A 173 4.64 8.21 -5.37
CA HIS A 173 4.12 7.36 -6.45
C HIS A 173 5.19 7.24 -7.52
N LEU A 174 5.85 6.09 -7.55
CA LEU A 174 6.94 5.85 -8.50
C LEU A 174 6.40 5.67 -9.92
N ASN A 175 7.18 6.14 -10.90
CA ASN A 175 6.87 5.92 -12.30
C ASN A 175 7.66 4.78 -12.91
N LYS A 176 8.61 4.22 -12.16
CA LYS A 176 9.30 2.99 -12.55
C LYS A 176 9.43 2.14 -11.30
N SER A 177 9.05 0.87 -11.43
CA SER A 177 9.08 -0.01 -10.27
C SER A 177 10.50 -0.52 -10.04
N VAL A 178 10.77 -0.92 -8.80
CA VAL A 178 12.04 -1.54 -8.45
C VAL A 178 11.75 -2.89 -7.83
N GLU A 179 12.26 -3.96 -8.44
CA GLU A 179 12.01 -5.29 -7.91
C GLU A 179 12.72 -5.52 -6.57
N ILE A 180 11.99 -6.13 -5.63
CA ILE A 180 12.54 -6.59 -4.36
C ILE A 180 12.21 -8.06 -4.24
N ASN A 181 13.23 -8.89 -4.03
CA ASN A 181 13.12 -10.33 -4.14
C ASN A 181 13.52 -10.92 -2.79
N CYS A 182 12.55 -11.44 -2.05
CA CYS A 182 12.73 -11.83 -0.66
C CYS A 182 12.64 -13.35 -0.55
N THR A 183 13.57 -13.94 0.22
CA THR A 183 13.69 -15.38 0.33
C THR A 183 14.01 -15.79 1.77
N ARG A 184 13.30 -16.81 2.22
CA ARG A 184 13.65 -17.60 3.40
C ARG A 184 14.09 -18.96 2.88
N PRO A 185 15.37 -19.27 2.88
CA PRO A 185 15.83 -20.53 2.27
C PRO A 185 15.45 -21.74 3.10
N SER A 186 15.44 -22.90 2.44
CA SER A 186 14.95 -24.12 3.07
C SER A 186 15.91 -24.61 4.15
N ASN A 187 15.36 -25.35 5.10
CA ASN A 187 16.11 -25.81 6.27
C ASN A 187 16.78 -27.15 5.98
N ASP A 195 18.84 -21.31 11.83
CA ASP A 195 17.80 -20.31 12.09
C ASP A 195 16.74 -20.31 11.00
N ILE A 196 15.57 -20.87 11.32
CA ILE A 196 14.51 -20.97 10.31
C ILE A 196 13.78 -19.66 10.10
N ARG A 197 13.98 -18.67 10.97
CA ARG A 197 13.32 -17.39 10.84
C ARG A 197 14.18 -16.34 10.14
N LYS A 198 15.42 -16.69 9.79
CA LYS A 198 16.31 -15.75 9.12
C LYS A 198 16.01 -15.75 7.62
N ALA A 199 15.97 -14.56 7.03
CA ALA A 199 15.61 -14.40 5.64
C ALA A 199 16.26 -13.12 5.13
N TYR A 200 16.08 -12.83 3.86
CA TYR A 200 16.68 -11.62 3.34
C TYR A 200 15.96 -11.17 2.07
N CYS A 201 16.16 -9.90 1.73
CA CYS A 201 15.66 -9.36 0.46
C CYS A 201 16.81 -8.82 -0.38
N GLU A 202 16.76 -9.09 -1.68
CA GLU A 202 17.76 -8.65 -2.63
C GLU A 202 17.14 -7.57 -3.50
N ILE A 203 17.85 -6.48 -3.68
CA ILE A 203 17.40 -5.37 -4.54
C ILE A 203 18.58 -4.88 -5.36
N ASN A 204 18.35 -4.66 -6.64
CA ASN A 204 19.33 -4.01 -7.51
C ASN A 204 19.68 -2.63 -6.97
N GLY A 205 20.96 -2.42 -6.67
CA GLY A 205 21.37 -1.20 -5.99
C GLY A 205 21.39 0.00 -6.89
N THR A 206 21.89 -0.20 -8.11
CA THR A 206 21.95 0.87 -9.09
C THR A 206 20.54 1.37 -9.44
N LYS A 207 19.62 0.45 -9.71
CA LYS A 207 18.24 0.85 -9.93
C LYS A 207 17.68 1.62 -8.74
N TRP A 208 17.76 1.02 -7.56
CA TRP A 208 17.15 1.63 -6.37
C TRP A 208 17.70 3.03 -6.15
N ASN A 209 19.02 3.19 -6.27
CA ASN A 209 19.62 4.48 -5.96
C ASN A 209 19.34 5.51 -7.05
N LYS A 210 19.25 5.09 -8.31
CA LYS A 210 18.78 6.03 -9.33
C LYS A 210 17.36 6.50 -9.04
N VAL A 211 16.49 5.60 -8.57
CA VAL A 211 15.11 5.99 -8.31
C VAL A 211 15.04 6.90 -7.09
N LEU A 212 15.84 6.61 -6.05
CA LEU A 212 15.91 7.49 -4.88
C LEU A 212 16.48 8.85 -5.23
N LYS A 213 17.42 8.88 -6.16
CA LYS A 213 17.89 10.13 -6.76
C LYS A 213 16.71 10.95 -7.31
N GLN A 214 15.90 10.32 -8.16
CA GLN A 214 14.78 11.03 -8.77
C GLN A 214 13.78 11.50 -7.72
N VAL A 215 13.51 10.67 -6.71
CA VAL A 215 12.61 11.06 -5.63
C VAL A 215 13.16 12.29 -4.91
N THR A 216 14.46 12.29 -4.63
CA THR A 216 15.10 13.45 -4.02
C THR A 216 14.81 14.71 -4.84
N GLU A 217 14.96 14.61 -6.15
CA GLU A 217 14.79 15.78 -7.00
C GLU A 217 13.35 16.30 -6.93
N LYS A 218 12.38 15.37 -6.98
CA LYS A 218 10.98 15.75 -6.84
C LYS A 218 10.72 16.48 -5.53
N LEU A 219 11.19 15.90 -4.42
CA LEU A 219 11.01 16.54 -3.11
C LEU A 219 11.66 17.91 -3.09
N LYS A 220 12.77 18.07 -3.83
CA LYS A 220 13.39 19.39 -3.96
C LYS A 220 12.44 20.37 -4.61
N GLU A 221 11.77 19.92 -5.67
CA GLU A 221 10.74 20.76 -6.30
C GLU A 221 9.63 21.13 -5.31
N HIS A 222 9.35 20.27 -4.33
CA HIS A 222 8.26 20.59 -3.41
C HIS A 222 8.71 21.35 -2.17
N PHE A 223 10.01 21.56 -1.98
CA PHE A 223 10.50 22.15 -0.74
C PHE A 223 11.58 23.18 -1.02
N ASN A 224 11.28 24.14 -1.91
CA ASN A 224 12.13 25.28 -2.24
C ASN A 224 13.62 24.93 -2.33
N ASN A 225 13.94 23.80 -2.97
CA ASN A 225 15.31 23.34 -3.18
C ASN A 225 16.11 23.13 -1.90
N LYS A 226 15.43 23.05 -0.75
CA LYS A 226 16.11 22.69 0.49
C LYS A 226 16.80 21.34 0.30
N THR A 227 17.88 21.14 1.05
CA THR A 227 18.57 19.85 0.99
C THR A 227 17.65 18.75 1.49
N ILE A 228 17.61 17.64 0.76
CA ILE A 228 16.76 16.51 1.08
C ILE A 228 17.61 15.42 1.72
N ILE A 229 17.22 14.96 2.90
CA ILE A 229 17.97 13.95 3.64
C ILE A 229 17.07 12.78 3.97
N PHE A 230 17.54 11.56 3.70
CA PHE A 230 16.83 10.35 4.04
C PHE A 230 17.49 9.67 5.24
N GLN A 231 16.65 9.15 6.12
CA GLN A 231 17.12 8.51 7.35
C GLN A 231 16.13 7.38 7.67
N PRO A 232 16.58 6.36 8.39
CA PRO A 232 15.65 5.33 8.87
C PRO A 232 14.75 5.88 9.96
N PRO A 233 13.68 5.17 10.33
CA PRO A 233 12.79 5.67 11.38
C PRO A 233 13.50 6.00 12.69
N SER A 234 12.88 6.83 13.52
CA SER A 234 13.44 7.26 14.81
C SER A 234 12.44 6.86 15.89
N GLY A 235 12.60 5.64 16.39
CA GLY A 235 11.65 5.08 17.32
C GLY A 235 10.54 4.35 16.59
N GLY A 236 10.10 3.23 17.15
CA GLY A 236 9.02 2.46 16.57
C GLY A 236 9.04 1.07 17.14
N ASP A 237 8.01 0.30 16.76
CA ASP A 237 7.66 -0.95 17.41
C ASP A 237 8.06 -2.20 16.62
N LEU A 238 8.62 -2.02 15.40
CA LEU A 238 9.29 -3.00 14.54
C LEU A 238 8.55 -3.05 13.21
N GLU A 239 7.22 -3.05 13.26
CA GLU A 239 6.41 -2.97 12.05
C GLU A 239 6.60 -1.62 11.33
N ILE A 240 7.02 -0.59 12.05
CA ILE A 240 7.34 0.70 11.45
C ILE A 240 8.83 0.81 11.14
N THR A 241 9.69 0.47 12.10
CA THR A 241 11.14 0.59 11.87
C THR A 241 11.62 -0.33 10.77
N MET A 242 10.87 -1.37 10.45
CA MET A 242 11.28 -2.31 9.42
C MET A 242 10.20 -2.46 8.38
N HIS A 243 10.61 -2.70 7.15
CA HIS A 243 9.69 -2.98 6.07
C HIS A 243 8.99 -4.30 6.35
N THR A 244 7.70 -4.24 6.64
CA THR A 244 6.95 -5.41 7.08
C THR A 244 5.90 -5.78 6.04
N PHE A 245 5.84 -7.06 5.69
CA PHE A 245 4.88 -7.52 4.69
C PHE A 245 4.59 -8.99 4.92
N ASN A 246 3.68 -9.53 4.11
CA ASN A 246 3.33 -10.94 4.19
C ASN A 246 3.78 -11.65 2.92
N CYS A 247 4.48 -12.76 3.09
CA CYS A 247 4.92 -13.62 1.99
C CYS A 247 4.40 -15.02 2.28
N ARG A 248 3.48 -15.49 1.44
CA ARG A 248 2.84 -16.80 1.53
C ARG A 248 2.48 -17.14 2.98
N GLY A 249 1.80 -16.19 3.63
CA GLY A 249 1.29 -16.38 4.99
C GLY A 249 2.24 -15.96 6.10
N GLU A 250 3.51 -15.74 5.81
CA GLU A 250 4.52 -15.47 6.82
C GLU A 250 4.85 -13.99 6.88
N PHE A 251 5.03 -13.48 8.10
CA PHE A 251 5.23 -12.06 8.33
C PHE A 251 6.73 -11.72 8.32
N PHE A 252 7.17 -11.04 7.27
CA PHE A 252 8.56 -10.67 7.07
C PHE A 252 8.78 -9.25 7.59
N TYR A 253 9.83 -9.09 8.39
CA TYR A 253 10.33 -7.80 8.84
C TYR A 253 11.73 -7.61 8.28
N CYS A 254 11.94 -6.54 7.53
CA CYS A 254 13.20 -6.35 6.81
C CYS A 254 13.83 -5.02 7.17
N ASN A 255 15.10 -5.05 7.54
CA ASN A 255 15.85 -3.85 7.83
C ASN A 255 16.15 -3.10 6.54
N THR A 256 15.68 -1.86 6.43
CA THR A 256 15.88 -1.05 5.22
C THR A 256 16.96 -0.01 5.37
N THR A 257 17.79 -0.09 6.42
CA THR A 257 18.80 0.93 6.66
C THR A 257 19.69 1.13 5.45
N GLN A 258 20.01 0.05 4.75
CA GLN A 258 20.86 0.18 3.58
C GLN A 258 20.18 0.92 2.43
N LEU A 259 18.86 1.11 2.51
CA LEU A 259 18.13 1.86 1.48
C LEU A 259 18.03 3.34 1.80
N PHE A 260 17.97 3.71 3.08
CA PHE A 260 17.70 5.08 3.53
C PHE A 260 18.87 5.70 4.28
N ASN A 261 20.10 5.23 4.07
CA ASN A 261 21.20 5.70 4.91
C ASN A 261 22.58 5.75 4.27
N ASN A 262 22.89 4.84 3.35
CA ASN A 262 24.17 4.99 2.68
C ASN A 262 24.23 6.26 1.84
N THR A 263 23.09 6.94 1.68
CA THR A 263 22.92 8.04 0.74
C THR A 263 23.32 7.55 -0.65
N CYS A 264 24.62 7.31 -0.88
CA CYS A 264 25.08 6.63 -2.09
C CYS A 264 24.65 7.44 -3.31
N ILE A 265 24.34 8.71 -3.08
CA ILE A 265 23.86 9.62 -4.11
C ILE A 265 24.56 10.96 -3.90
N GLY A 272 31.41 3.92 -5.68
CA GLY A 272 31.74 2.50 -5.58
C GLY A 272 30.60 1.67 -5.03
N CYS A 273 29.54 2.35 -4.63
CA CYS A 273 28.31 1.71 -4.17
C CYS A 273 27.32 1.63 -5.33
N ASN A 274 26.95 0.41 -5.73
CA ASN A 274 26.22 0.21 -6.97
C ASN A 274 25.87 -1.25 -7.24
N GLY A 275 26.07 -2.13 -6.26
CA GLY A 275 25.89 -3.56 -6.48
C GLY A 275 24.49 -4.02 -6.15
N THR A 276 24.41 -5.18 -5.52
CA THR A 276 23.15 -5.77 -5.06
C THR A 276 23.04 -5.54 -3.56
N ILE A 277 21.99 -4.84 -3.13
CA ILE A 277 21.74 -4.65 -1.71
C ILE A 277 21.08 -5.90 -1.17
N THR A 278 21.60 -6.41 -0.05
CA THR A 278 21.00 -7.52 0.68
C THR A 278 20.55 -7.01 2.04
N LEU A 279 19.24 -6.97 2.25
CA LEU A 279 18.65 -6.55 3.50
C LEU A 279 18.38 -7.76 4.37
N PRO A 280 18.83 -7.76 5.62
CA PRO A 280 18.51 -8.86 6.53
C PRO A 280 17.07 -8.74 6.98
N CYS A 281 16.46 -9.90 7.24
CA CYS A 281 15.04 -9.96 7.58
C CYS A 281 14.80 -11.11 8.54
N LYS A 282 13.71 -10.99 9.29
CA LYS A 282 13.26 -12.02 10.22
C LYS A 282 11.79 -12.30 9.97
N ILE A 283 11.40 -13.57 10.05
CA ILE A 283 10.00 -13.94 10.03
C ILE A 283 9.52 -13.94 11.47
N LYS A 284 8.65 -12.97 11.79
CA LYS A 284 8.13 -12.84 13.17
C LYS A 284 6.87 -13.68 13.33
N GLN A 285 6.61 -14.03 14.59
CA GLN A 285 5.47 -14.82 15.01
C GLN A 285 4.49 -13.99 15.82
N ILE A 286 5.01 -13.20 16.75
CA ILE A 286 4.21 -12.24 17.50
C ILE A 286 4.17 -10.95 16.71
N ILE A 287 2.97 -10.44 16.44
CA ILE A 287 2.76 -9.34 15.53
C ILE A 287 1.92 -8.30 16.22
N ASN A 288 2.22 -7.03 16.00
CA ASN A 288 1.32 -5.95 16.36
C ASN A 288 0.38 -5.74 15.19
N MET A 289 -0.89 -6.10 15.38
CA MET A 289 -1.82 -6.14 14.26
C MET A 289 -2.07 -4.75 13.71
N TRP A 290 -2.22 -4.67 12.40
CA TRP A 290 -2.58 -3.42 11.74
C TRP A 290 -4.07 -3.18 11.72
N GLN A 291 -4.87 -4.24 11.84
CA GLN A 291 -6.32 -4.10 11.81
C GLN A 291 -6.80 -3.28 12.99
N GLY A 292 -6.31 -3.61 14.18
CA GLY A 292 -6.64 -2.89 15.39
C GLY A 292 -5.56 -3.15 16.41
N THR A 293 -5.68 -2.46 17.54
CA THR A 293 -4.70 -2.62 18.60
C THR A 293 -4.76 -4.02 19.19
N GLY A 294 -3.60 -4.61 19.39
CA GLY A 294 -3.50 -5.96 19.92
C GLY A 294 -2.36 -6.71 19.29
N GLN A 295 -1.92 -7.76 19.98
CA GLN A 295 -0.87 -8.64 19.51
C GLN A 295 -1.48 -9.96 19.07
N ALA A 296 -0.96 -10.49 17.96
CA ALA A 296 -1.37 -11.80 17.43
C ALA A 296 -0.16 -12.70 17.33
N MET A 297 -0.29 -13.95 17.75
CA MET A 297 0.80 -14.90 17.69
C MET A 297 0.43 -16.04 16.76
N TYR A 298 1.21 -16.18 15.69
CA TYR A 298 1.10 -17.23 14.68
C TYR A 298 2.12 -18.33 14.98
N ALA A 299 2.15 -19.33 14.12
CA ALA A 299 3.01 -20.50 14.29
C ALA A 299 4.28 -20.35 13.46
N PRO A 300 5.32 -21.11 13.76
CA PRO A 300 6.59 -20.93 13.05
C PRO A 300 6.45 -21.18 11.57
N PRO A 301 7.43 -20.78 10.77
CA PRO A 301 7.26 -20.85 9.31
C PRO A 301 7.11 -22.24 8.73
N ILE A 302 6.50 -22.29 7.54
CA ILE A 302 6.44 -23.52 6.78
C ILE A 302 7.85 -23.96 6.38
N ASP A 303 7.97 -25.23 6.04
CA ASP A 303 9.21 -25.76 5.50
C ASP A 303 9.36 -25.37 4.03
N GLY A 304 10.56 -25.54 3.52
CA GLY A 304 10.84 -25.19 2.15
C GLY A 304 11.28 -23.76 2.01
N LYS A 305 11.62 -23.39 0.77
CA LYS A 305 11.99 -22.00 0.50
C LYS A 305 10.71 -21.18 0.37
N ILE A 306 10.68 -20.05 1.06
CA ILE A 306 9.57 -19.11 1.01
C ILE A 306 10.05 -17.91 0.22
N ASN A 307 9.48 -17.66 -0.96
CA ASN A 307 10.01 -16.60 -1.81
C ASN A 307 8.89 -15.72 -2.33
N CYS A 308 9.17 -14.42 -2.44
CA CYS A 308 8.25 -13.43 -2.98
C CYS A 308 9.04 -12.41 -3.78
N VAL A 309 8.72 -12.28 -5.06
CA VAL A 309 9.37 -11.26 -5.87
C VAL A 309 8.34 -10.17 -6.13
N SER A 310 8.40 -9.09 -5.37
CA SER A 310 7.42 -8.03 -5.50
C SER A 310 8.01 -6.83 -6.20
N ASN A 311 7.12 -6.00 -6.73
CA ASN A 311 7.46 -4.73 -7.31
C ASN A 311 7.30 -3.67 -6.23
N ILE A 312 8.34 -2.90 -6.01
CA ILE A 312 8.22 -1.67 -5.24
C ILE A 312 7.68 -0.62 -6.20
N THR A 313 6.58 0.01 -5.83
CA THR A 313 5.91 0.99 -6.67
C THR A 313 5.63 2.30 -5.97
N GLY A 314 5.78 2.36 -4.65
CA GLY A 314 5.54 3.58 -3.91
C GLY A 314 6.24 3.51 -2.58
N ILE A 315 6.40 4.68 -1.96
CA ILE A 315 7.08 4.78 -0.67
C ILE A 315 6.27 5.63 0.30
N LEU A 316 6.16 5.17 1.54
CA LEU A 316 5.50 5.91 2.60
C LEU A 316 6.54 6.68 3.40
N LEU A 317 6.41 8.00 3.48
CA LEU A 317 7.43 8.85 4.07
C LEU A 317 6.83 9.79 5.11
N THR A 318 7.60 10.05 6.15
CA THR A 318 7.28 11.03 7.18
C THR A 318 8.40 12.06 7.19
N ARG A 319 8.03 13.34 7.06
CA ARG A 319 9.04 14.40 7.11
C ARG A 319 9.30 14.81 8.55
N ASP A 320 10.57 15.10 8.85
CA ASP A 320 10.95 15.51 10.19
C ASP A 320 10.42 16.91 10.48
N GLY A 321 10.00 17.13 11.73
CA GLY A 321 9.53 18.44 12.14
C GLY A 321 10.63 19.26 12.78
N GLY A 322 10.34 20.55 12.96
CA GLY A 322 11.28 21.46 13.61
C GLY A 322 12.50 21.79 12.80
N ALA A 323 12.49 21.53 11.49
CA ALA A 323 13.60 21.89 10.62
C ALA A 323 13.33 23.18 9.86
N ASN A 324 12.41 24.01 10.37
CA ASN A 324 12.05 25.23 9.67
C ASN A 324 13.25 26.19 9.57
N ASN A 325 13.99 26.35 10.66
CA ASN A 325 15.11 27.28 10.69
C ASN A 325 16.43 26.63 10.28
N THR A 326 16.37 25.43 9.71
CA THR A 326 17.52 24.78 9.10
C THR A 326 17.33 24.74 7.60
N SER A 327 18.38 24.34 6.89
CA SER A 327 18.35 24.28 5.43
C SER A 327 18.13 22.87 4.90
N ASN A 328 17.66 21.96 5.74
CA ASN A 328 17.47 20.56 5.37
C ASN A 328 16.02 20.15 5.57
N GLU A 329 15.63 19.08 4.89
CA GLU A 329 14.37 18.40 5.15
C GLU A 329 14.68 16.92 5.24
N THR A 330 14.33 16.31 6.38
CA THR A 330 14.63 14.90 6.65
C THR A 330 13.39 14.06 6.45
N PHE A 331 13.54 12.94 5.73
CA PHE A 331 12.45 12.05 5.42
C PHE A 331 12.79 10.65 5.88
N ARG A 332 11.83 10.00 6.55
CA ARG A 332 12.00 8.67 7.07
C ARG A 332 10.84 7.78 6.64
N PRO A 333 11.11 6.55 6.22
CA PRO A 333 10.02 5.68 5.79
C PRO A 333 9.01 5.47 6.91
N GLY A 334 7.73 5.44 6.55
CA GLY A 334 6.67 5.38 7.54
C GLY A 334 5.74 4.22 7.28
N GLY A 335 4.51 4.29 7.78
CA GLY A 335 3.56 3.21 7.61
C GLY A 335 2.81 2.93 8.90
N GLY A 336 1.89 1.96 8.85
CA GLY A 336 1.12 1.60 10.03
C GLY A 336 -0.37 1.70 9.79
N ASP A 337 -0.82 2.81 9.20
CA ASP A 337 -2.22 2.98 8.83
C ASP A 337 -2.41 2.48 7.41
N MET A 338 -2.99 1.29 7.27
CA MET A 338 -3.08 0.69 5.94
C MET A 338 -4.02 1.42 5.02
N ARG A 339 -4.77 2.39 5.58
CA ARG A 339 -5.71 3.17 4.75
C ARG A 339 -4.93 3.92 3.68
N ASP A 340 -3.70 4.34 3.98
CA ASP A 340 -2.86 5.00 2.98
C ASP A 340 -2.44 4.03 1.88
N ASN A 341 -2.28 2.76 2.23
CA ASN A 341 -1.97 1.75 1.22
C ASN A 341 -3.10 1.62 0.20
N TRP A 342 -4.36 1.60 0.66
CA TRP A 342 -5.48 1.59 -0.28
C TRP A 342 -5.63 2.92 -1.00
N ARG A 343 -5.31 4.02 -0.31
CA ARG A 343 -5.35 5.36 -0.90
C ARG A 343 -4.49 5.42 -2.14
N SER A 344 -3.29 4.85 -2.08
CA SER A 344 -2.33 4.94 -3.18
C SER A 344 -2.88 4.39 -4.49
N GLU A 345 -3.96 3.61 -4.45
CA GLU A 345 -4.62 3.08 -5.63
C GLU A 345 -5.99 3.70 -5.88
N LEU A 346 -6.72 4.00 -4.81
CA LEU A 346 -8.07 4.55 -4.91
C LEU A 346 -8.08 6.04 -5.17
N TYR A 347 -6.90 6.69 -5.17
CA TYR A 347 -6.79 8.14 -5.21
C TYR A 347 -7.55 8.78 -6.37
N LYS A 348 -7.67 8.09 -7.50
CA LYS A 348 -8.27 8.71 -8.67
C LYS A 348 -9.77 8.49 -8.77
N TYR A 349 -10.39 7.84 -7.78
CA TYR A 349 -11.80 7.51 -7.82
C TYR A 349 -12.58 8.32 -6.80
N LYS A 350 -13.89 8.44 -7.07
CA LYS A 350 -14.77 9.22 -6.22
C LYS A 350 -16.22 8.84 -6.49
N VAL A 351 -17.02 8.62 -5.46
CA VAL A 351 -18.40 8.19 -5.66
C VAL A 351 -19.29 9.41 -5.67
N VAL A 352 -20.04 9.58 -6.76
CA VAL A 352 -21.02 10.66 -6.89
C VAL A 352 -22.40 10.03 -7.11
N GLN A 353 -23.35 10.47 -6.29
CA GLN A 353 -24.73 10.06 -6.43
C GLN A 353 -25.35 10.77 -7.62
N ILE A 354 -26.05 10.01 -8.46
CA ILE A 354 -26.56 10.56 -9.70
C ILE A 354 -27.84 11.34 -9.42
N GLU A 355 -27.94 12.54 -10.03
CA GLU A 355 -29.07 13.48 -9.88
C GLU A 355 -29.03 14.13 -8.50
#